data_3SEA
#
_entry.id   3SEA
#
_cell.length_a   57.247
_cell.length_b   69.873
_cell.length_c   79.195
_cell.angle_alpha   90.00
_cell.angle_beta   90.00
_cell.angle_gamma   90.00
#
_symmetry.space_group_name_H-M   'P 2 21 21'
#
loop_
_entity.id
_entity.type
_entity.pdbx_description
1 polymer 'GTP-binding protein Rheb'
2 non-polymer 'MAGNESIUM ION'
3 non-polymer "GUANOSINE-5'-DIPHOSPHATE"
4 non-polymer 'PHOSPHOAMINOPHOSPHONIC ACID-GUANYLATE ESTER'
5 non-polymer 'ACETATE ION'
6 water water
#
_entity_poly.entity_id   1
_entity_poly.type   'polypeptide(L)'
_entity_poly.pdbx_seq_one_letter_code
;QSKSRKIAILGYRSVGKSSLTIQFVEGQFVDSADPTIENTFTKLITVNGQEYHLQLVDTAGQDEYSIFPQTYSIDINGYI
LVYSVTSIKSFEVIKVIHGKLLDMVGKVQIPIMLVGNKKDLHMERVISYEEGKALAESWNAAFLESSAKENQTAVDVFRR
IILEAEK
;
_entity_poly.pdbx_strand_id   A,B
#
# COMPACT_ATOMS: atom_id res chain seq x y z
N GLN A 1 -19.98 28.27 12.02
CA GLN A 1 -18.70 28.49 11.37
C GLN A 1 -17.86 27.21 11.37
N SER A 2 -17.95 26.46 12.47
CA SER A 2 -17.26 25.19 12.59
C SER A 2 -18.11 24.08 11.96
N LYS A 3 -17.47 23.16 11.25
CA LYS A 3 -18.17 22.02 10.64
C LYS A 3 -18.27 20.84 11.60
N SER A 4 -19.40 20.14 11.54
CA SER A 4 -19.67 19.04 12.43
C SER A 4 -19.61 17.73 11.64
N ARG A 5 -18.88 16.75 12.17
CA ARG A 5 -18.75 15.47 11.49
C ARG A 5 -18.89 14.32 12.48
N LYS A 6 -19.65 13.30 12.08
CA LYS A 6 -19.76 12.07 12.84
C LYS A 6 -19.09 10.94 12.04
N ILE A 7 -18.15 10.23 12.67
CA ILE A 7 -17.36 9.20 12.01
C ILE A 7 -17.48 7.89 12.78
N ALA A 8 -17.85 6.82 12.10
CA ALA A 8 -17.92 5.52 12.76
C ALA A 8 -16.70 4.65 12.45
N ILE A 9 -16.13 4.07 13.50
CA ILE A 9 -14.98 3.19 13.34
C ILE A 9 -15.46 1.74 13.51
N LEU A 10 -15.28 0.94 12.46
CA LEU A 10 -15.72 -0.47 12.42
C LEU A 10 -14.55 -1.44 12.36
N GLY A 11 -14.82 -2.71 12.66
CA GLY A 11 -13.79 -3.71 12.53
C GLY A 11 -13.90 -4.83 13.55
N TYR A 12 -13.17 -5.90 13.29
CA TYR A 12 -13.14 -7.07 14.14
C TYR A 12 -12.56 -6.75 15.52
N ARG A 13 -12.85 -7.58 16.52
CA ARG A 13 -12.34 -7.37 17.86
CA ARG A 13 -12.34 -7.37 17.86
C ARG A 13 -10.80 -7.34 17.91
N SER A 14 -10.27 -6.47 18.77
CA SER A 14 -8.83 -6.37 19.01
C SER A 14 -7.94 -5.79 17.90
N VAL A 15 -8.51 -5.23 16.84
CA VAL A 15 -7.70 -4.67 15.77
C VAL A 15 -7.11 -3.31 16.16
N GLY A 16 -7.65 -2.69 17.21
CA GLY A 16 -7.18 -1.38 17.65
C GLY A 16 -8.11 -0.20 17.37
N LYS A 17 -9.40 -0.46 17.18
CA LYS A 17 -10.37 0.62 16.99
C LYS A 17 -10.29 1.59 18.16
N SER A 18 -10.39 1.07 19.37
CA SER A 18 -10.34 1.92 20.56
C SER A 18 -8.98 2.60 20.74
N SER A 19 -7.90 1.84 20.60
CA SER A 19 -6.58 2.41 20.82
C SER A 19 -6.30 3.53 19.83
N LEU A 20 -6.68 3.31 18.57
CA LEU A 20 -6.54 4.37 17.56
C LEU A 20 -7.33 5.61 17.91
N THR A 21 -8.58 5.42 18.31
CA THR A 21 -9.43 6.55 18.62
C THR A 21 -8.92 7.30 19.84
N ILE A 22 -8.53 6.55 20.86
CA ILE A 22 -8.01 7.18 22.08
C ILE A 22 -6.68 7.89 21.83
N GLN A 23 -5.81 7.31 21.01
CA GLN A 23 -4.59 8.00 20.60
C GLN A 23 -4.91 9.35 19.98
N PHE A 24 -5.80 9.33 18.98
CA PHE A 24 -6.25 10.55 18.30
C PHE A 24 -6.89 11.56 19.26
N VAL A 25 -7.77 11.08 20.13
CA VAL A 25 -8.48 11.98 21.02
C VAL A 25 -7.64 12.53 22.18
N GLU A 26 -6.87 11.68 22.83
CA GLU A 26 -6.18 12.08 24.05
C GLU A 26 -4.67 11.99 23.98
N GLY A 27 -4.16 11.53 22.85
CA GLY A 27 -2.74 11.43 22.66
C GLY A 27 -2.04 10.41 23.55
N GLN A 28 -2.73 9.38 23.97
N GLN A 28 -2.76 9.36 23.93
CA GLN A 28 -2.03 8.30 24.67
CA GLN A 28 -2.23 8.28 24.77
C GLN A 28 -2.41 6.93 24.15
C GLN A 28 -2.44 6.92 24.10
N PHE A 29 -1.46 6.03 24.21
CA PHE A 29 -1.64 4.66 23.78
C PHE A 29 -2.11 3.82 24.96
N VAL A 30 -3.24 3.13 24.81
CA VAL A 30 -3.70 2.28 25.90
C VAL A 30 -3.56 0.78 25.60
N ASP A 31 -3.33 0.02 26.65
CA ASP A 31 -3.07 -1.40 26.52
C ASP A 31 -4.34 -2.24 26.52
N SER A 32 -5.46 -1.64 26.91
CA SER A 32 -6.76 -2.31 26.83
C SER A 32 -7.93 -1.32 26.96
N ALA A 33 -9.10 -1.73 26.46
CA ALA A 33 -10.34 -0.99 26.62
C ALA A 33 -11.55 -1.94 26.51
N ASP A 34 -12.59 -1.70 27.31
CA ASP A 34 -13.80 -2.51 27.28
C ASP A 34 -14.13 -2.98 25.86
N PRO A 35 -14.03 -4.28 25.62
CA PRO A 35 -14.12 -4.79 24.24
C PRO A 35 -15.58 -4.75 23.74
N THR A 36 -16.56 -4.73 24.64
CA THR A 36 -17.96 -4.94 24.24
C THR A 36 -18.87 -3.71 24.39
N ILE A 37 -18.27 -2.56 24.73
CA ILE A 37 -19.06 -1.33 24.86
C ILE A 37 -18.71 -0.32 23.77
N GLU A 38 -19.73 0.31 23.18
CA GLU A 38 -19.47 1.37 22.20
C GLU A 38 -19.19 2.67 22.94
N ASN A 39 -18.12 3.36 22.54
CA ASN A 39 -17.75 4.64 23.14
C ASN A 39 -17.85 5.74 22.12
N THR A 40 -18.44 6.86 22.50
CA THR A 40 -18.44 8.03 21.65
C THR A 40 -17.50 9.08 22.23
N PHE A 41 -16.55 9.55 21.42
CA PHE A 41 -15.67 10.61 21.86
C PHE A 41 -15.97 11.89 21.08
N THR A 42 -15.60 13.02 21.64
CA THR A 42 -15.67 14.28 20.90
C THR A 42 -14.27 14.85 20.84
N LYS A 43 -14.00 15.59 19.76
CA LYS A 43 -12.67 16.12 19.51
C LYS A 43 -12.78 17.28 18.54
N LEU A 44 -12.18 18.40 18.92
CA LEU A 44 -12.06 19.55 18.05
C LEU A 44 -10.72 19.50 17.34
N ILE A 45 -10.76 19.58 16.02
CA ILE A 45 -9.55 19.55 15.23
C ILE A 45 -9.63 20.65 14.17
N THR A 46 -8.48 21.18 13.77
CA THR A 46 -8.44 22.14 12.68
C THR A 46 -7.76 21.47 11.49
N VAL A 47 -8.48 21.37 10.38
CA VAL A 47 -7.93 20.78 9.17
C VAL A 47 -7.84 21.85 8.11
N ASN A 48 -6.63 22.13 7.65
CA ASN A 48 -6.40 23.12 6.60
C ASN A 48 -7.07 24.46 6.89
N GLY A 49 -6.92 24.94 8.11
CA GLY A 49 -7.50 26.21 8.51
C GLY A 49 -8.96 26.12 8.90
N GLN A 50 -9.58 24.97 8.68
CA GLN A 50 -11.02 24.80 8.94
C GLN A 50 -11.29 24.05 10.24
N GLU A 51 -12.11 24.64 11.10
CA GLU A 51 -12.45 24.03 12.38
C GLU A 51 -13.54 22.95 12.27
N TYR A 52 -13.26 21.75 12.79
CA TYR A 52 -14.22 20.63 12.77
C TYR A 52 -14.55 20.14 14.16
N HIS A 53 -15.84 20.01 14.47
CA HIS A 53 -16.25 19.34 15.70
CA HIS A 53 -16.28 19.36 15.70
C HIS A 53 -16.59 17.89 15.40
N LEU A 54 -15.81 16.97 15.96
CA LEU A 54 -15.93 15.55 15.67
C LEU A 54 -16.68 14.76 16.75
N GLN A 55 -17.51 13.84 16.31
CA GLN A 55 -18.02 12.80 17.18
C GLN A 55 -17.49 11.50 16.61
N LEU A 56 -16.72 10.79 17.41
CA LEU A 56 -16.09 9.56 16.94
C LEU A 56 -16.79 8.41 17.61
N VAL A 57 -17.43 7.59 16.79
CA VAL A 57 -18.19 6.47 17.31
C VAL A 57 -17.34 5.20 17.22
N ASP A 58 -16.73 4.85 18.36
CA ASP A 58 -15.87 3.70 18.47
C ASP A 58 -16.73 2.47 18.78
N THR A 59 -17.18 1.78 17.74
CA THR A 59 -18.10 0.67 17.93
C THR A 59 -17.41 -0.48 18.65
N ALA A 60 -18.18 -1.29 19.36
CA ALA A 60 -17.67 -2.57 19.78
C ALA A 60 -17.61 -3.30 18.45
N GLY A 61 -16.68 -4.22 18.30
CA GLY A 61 -16.44 -4.73 16.95
C GLY A 61 -17.58 -5.47 16.27
N GLN A 62 -17.31 -5.88 15.05
CA GLN A 62 -18.19 -6.83 14.42
C GLN A 62 -17.41 -7.98 13.77
N ASP A 63 -18.04 -9.12 13.64
CA ASP A 63 -17.41 -10.24 12.95
C ASP A 63 -18.32 -10.64 11.81
N GLU A 64 -18.06 -11.81 11.20
CA GLU A 64 -18.80 -12.21 10.02
C GLU A 64 -20.28 -12.43 10.34
N TYR A 65 -20.61 -12.59 11.62
CA TYR A 65 -21.97 -12.96 11.99
C TYR A 65 -22.75 -11.77 12.49
N SER A 66 -22.09 -10.62 12.61
CA SER A 66 -22.75 -9.43 13.12
C SER A 66 -23.81 -8.91 12.15
N ILE A 67 -24.89 -8.37 12.73
CA ILE A 67 -25.95 -7.78 11.93
C ILE A 67 -25.69 -6.31 11.60
N PHE A 68 -25.92 -5.96 10.35
CA PHE A 68 -25.90 -4.57 9.93
C PHE A 68 -27.31 -4.08 9.64
N PRO A 69 -27.65 -2.88 10.14
CA PRO A 69 -28.95 -2.28 9.77
C PRO A 69 -29.12 -2.32 8.26
N GLN A 70 -30.36 -2.36 7.79
CA GLN A 70 -30.61 -2.44 6.34
CA GLN A 70 -30.59 -2.43 6.34
C GLN A 70 -30.65 -1.06 5.68
N THR A 71 -30.58 -0.01 6.48
CA THR A 71 -30.53 1.35 5.93
C THR A 71 -29.60 2.30 6.70
N TYR A 72 -29.14 3.36 6.04
CA TYR A 72 -28.06 4.17 6.59
C TYR A 72 -28.55 5.31 7.50
N SER A 73 -27.61 5.85 8.26
CA SER A 73 -27.84 7.00 9.11
C SER A 73 -27.29 8.23 8.38
N ILE A 74 -28.20 9.13 8.04
CA ILE A 74 -27.88 10.38 7.35
C ILE A 74 -26.87 11.20 8.15
N ASP A 75 -26.86 11.02 9.46
CA ASP A 75 -25.98 11.80 10.33
C ASP A 75 -24.56 11.23 10.46
N ILE A 76 -24.27 10.12 9.79
CA ILE A 76 -22.91 9.56 9.76
CA ILE A 76 -22.91 9.60 9.77
C ILE A 76 -22.19 10.02 8.49
N ASN A 77 -21.06 10.70 8.68
CA ASN A 77 -20.36 11.31 7.56
C ASN A 77 -19.21 10.49 6.98
N GLY A 78 -18.87 9.37 7.61
CA GLY A 78 -17.80 8.55 7.10
C GLY A 78 -17.56 7.33 7.95
N TYR A 79 -17.00 6.30 7.33
CA TYR A 79 -16.71 5.04 8.00
C TYR A 79 -15.23 4.74 7.87
N ILE A 80 -14.60 4.45 9.00
CA ILE A 80 -13.24 3.96 9.00
C ILE A 80 -13.28 2.45 9.29
N LEU A 81 -12.82 1.64 8.34
CA LEU A 81 -12.79 0.19 8.54
CA LEU A 81 -12.79 0.19 8.52
C LEU A 81 -11.39 -0.28 8.93
N VAL A 82 -11.26 -0.78 10.14
CA VAL A 82 -9.94 -1.16 10.65
C VAL A 82 -9.73 -2.67 10.69
N TYR A 83 -8.56 -3.10 10.25
CA TYR A 83 -8.09 -4.45 10.55
C TYR A 83 -6.69 -4.32 11.14
N SER A 84 -6.17 -5.41 11.67
CA SER A 84 -4.79 -5.42 12.14
C SER A 84 -3.91 -6.16 11.14
N VAL A 85 -2.73 -5.61 10.86
CA VAL A 85 -1.81 -6.25 9.93
C VAL A 85 -1.29 -7.58 10.51
N THR A 86 -1.55 -7.80 11.80
CA THR A 86 -1.10 -9.02 12.47
C THR A 86 -2.15 -10.13 12.45
N SER A 87 -3.34 -9.87 11.92
CA SER A 87 -4.42 -10.86 11.99
C SER A 87 -5.11 -11.11 10.67
N ILE A 88 -4.89 -12.27 10.08
CA ILE A 88 -5.58 -12.59 8.83
C ILE A 88 -7.11 -12.66 9.04
N LYS A 89 -7.56 -13.19 10.16
CA LYS A 89 -8.98 -13.21 10.46
CA LYS A 89 -8.98 -13.21 10.47
C LYS A 89 -9.55 -11.80 10.34
N SER A 90 -8.84 -10.83 10.94
CA SER A 90 -9.29 -9.43 10.93
C SER A 90 -9.47 -8.91 9.52
N PHE A 91 -8.55 -9.31 8.64
CA PHE A 91 -8.55 -8.85 7.25
C PHE A 91 -9.70 -9.48 6.46
N GLU A 92 -9.89 -10.78 6.64
CA GLU A 92 -11.03 -11.46 6.05
C GLU A 92 -12.33 -10.85 6.55
N VAL A 93 -12.42 -10.61 7.86
CA VAL A 93 -13.62 -10.02 8.44
C VAL A 93 -13.90 -8.63 7.85
N ILE A 94 -12.87 -7.80 7.72
CA ILE A 94 -13.09 -6.45 7.21
C ILE A 94 -13.71 -6.46 5.79
N LYS A 95 -13.40 -7.49 5.00
CA LYS A 95 -14.03 -7.63 3.68
C LYS A 95 -15.53 -7.91 3.81
N VAL A 96 -15.89 -8.76 4.75
CA VAL A 96 -17.31 -9.07 4.98
C VAL A 96 -18.07 -7.84 5.52
N ILE A 97 -17.45 -7.15 6.46
CA ILE A 97 -17.95 -5.89 6.98
C ILE A 97 -18.17 -4.89 5.84
N HIS A 98 -17.20 -4.77 4.95
CA HIS A 98 -17.34 -3.83 3.85
C HIS A 98 -18.56 -4.23 2.99
N GLY A 99 -18.71 -5.53 2.73
CA GLY A 99 -19.83 -6.01 1.96
C GLY A 99 -21.16 -5.64 2.56
N LYS A 100 -21.32 -5.87 3.86
CA LYS A 100 -22.59 -5.59 4.51
C LYS A 100 -22.79 -4.09 4.65
N LEU A 101 -21.69 -3.36 4.77
CA LEU A 101 -21.79 -1.92 4.84
C LEU A 101 -22.32 -1.37 3.53
N LEU A 102 -21.75 -1.83 2.42
CA LEU A 102 -22.17 -1.36 1.11
C LEU A 102 -23.64 -1.71 0.83
N ASP A 103 -24.10 -2.82 1.36
CA ASP A 103 -25.51 -3.19 1.23
C ASP A 103 -26.41 -2.27 2.03
N MET A 104 -25.93 -1.80 3.16
CA MET A 104 -26.70 -0.86 3.98
C MET A 104 -26.73 0.54 3.36
N VAL A 105 -25.59 1.00 2.85
CA VAL A 105 -25.51 2.38 2.39
C VAL A 105 -25.79 2.56 0.89
N GLY A 106 -25.68 1.47 0.13
CA GLY A 106 -25.91 1.55 -1.30
C GLY A 106 -25.00 2.56 -2.00
N LYS A 107 -25.60 3.43 -2.79
CA LYS A 107 -24.86 4.37 -3.63
C LYS A 107 -24.64 5.72 -2.95
N VAL A 108 -25.02 5.83 -1.68
CA VAL A 108 -24.89 7.12 -1.01
C VAL A 108 -23.44 7.58 -1.01
N GLN A 109 -23.21 8.87 -1.22
CA GLN A 109 -21.86 9.44 -1.21
CA GLN A 109 -21.85 9.38 -1.21
C GLN A 109 -21.38 9.67 0.21
N ILE A 110 -21.19 8.58 0.96
CA ILE A 110 -20.56 8.62 2.30
C ILE A 110 -19.28 7.79 2.19
N PRO A 111 -18.14 8.41 2.48
CA PRO A 111 -16.82 7.81 2.26
C PRO A 111 -16.55 6.66 3.20
N ILE A 112 -15.77 5.70 2.70
CA ILE A 112 -15.37 4.52 3.44
C ILE A 112 -13.88 4.38 3.20
N MET A 113 -13.09 4.34 4.26
CA MET A 113 -11.67 4.07 4.09
C MET A 113 -11.23 2.81 4.81
N LEU A 114 -10.05 2.31 4.44
CA LEU A 114 -9.52 1.08 4.99
C LEU A 114 -8.23 1.41 5.70
N VAL A 115 -8.07 0.86 6.90
CA VAL A 115 -6.88 1.13 7.71
C VAL A 115 -6.26 -0.18 8.20
N GLY A 116 -5.00 -0.41 7.85
CA GLY A 116 -4.26 -1.54 8.39
C GLY A 116 -3.51 -1.09 9.63
N ASN A 117 -3.99 -1.50 10.81
CA ASN A 117 -3.41 -1.02 12.06
C ASN A 117 -2.35 -1.97 12.61
N LYS A 118 -1.63 -1.51 13.65
CA LYS A 118 -0.55 -2.28 14.29
C LYS A 118 0.68 -2.42 13.42
N LYS A 119 0.94 -1.44 12.55
CA LYS A 119 2.12 -1.53 11.68
C LYS A 119 3.45 -1.57 12.44
N ASP A 120 3.44 -1.16 13.70
CA ASP A 120 4.65 -1.20 14.53
C ASP A 120 5.06 -2.64 14.89
N LEU A 121 4.13 -3.58 14.77
CA LEU A 121 4.44 -4.96 15.13
C LEU A 121 4.98 -5.69 13.91
N HIS A 122 6.11 -5.20 13.41
CA HIS A 122 6.61 -5.61 12.11
C HIS A 122 7.01 -7.07 12.10
N MET A 123 7.36 -7.61 13.27
CA MET A 123 7.68 -9.03 13.34
C MET A 123 6.44 -9.92 13.39
N GLU A 124 5.24 -9.32 13.47
CA GLU A 124 4.01 -10.09 13.58
C GLU A 124 3.08 -9.87 12.39
N ARG A 125 3.56 -9.16 11.38
CA ARG A 125 2.73 -8.87 10.21
C ARG A 125 2.37 -10.11 9.39
N VAL A 126 1.11 -10.24 9.03
CA VAL A 126 0.70 -11.29 8.12
C VAL A 126 -0.02 -10.74 6.90
N ILE A 127 -0.36 -9.45 6.93
CA ILE A 127 -1.00 -8.82 5.78
C ILE A 127 0.00 -7.83 5.18
N SER A 128 0.28 -7.95 3.88
CA SER A 128 1.24 -7.03 3.27
C SER A 128 0.60 -5.67 3.07
N TYR A 129 1.41 -4.63 2.96
CA TYR A 129 0.90 -3.31 2.61
C TYR A 129 0.11 -3.40 1.29
N GLU A 130 0.68 -4.09 0.33
CA GLU A 130 0.09 -4.21 -1.01
C GLU A 130 -1.32 -4.82 -0.97
N GLU A 131 -1.51 -5.83 -0.12
CA GLU A 131 -2.80 -6.51 -0.03
C GLU A 131 -3.87 -5.53 0.41
N GLY A 132 -3.55 -4.77 1.46
CA GLY A 132 -4.47 -3.78 1.99
C GLY A 132 -4.76 -2.68 0.99
N LYS A 133 -3.70 -2.14 0.38
CA LYS A 133 -3.82 -1.06 -0.58
C LYS A 133 -4.68 -1.46 -1.78
N ALA A 134 -4.41 -2.65 -2.32
CA ALA A 134 -5.16 -3.15 -3.48
C ALA A 134 -6.64 -3.39 -3.15
N LEU A 135 -6.92 -3.90 -1.96
CA LEU A 135 -8.30 -4.08 -1.54
C LEU A 135 -8.99 -2.73 -1.52
N ALA A 136 -8.38 -1.76 -0.83
CA ALA A 136 -8.94 -0.41 -0.78
C ALA A 136 -9.15 0.10 -2.19
N GLU A 137 -8.17 -0.09 -3.05
CA GLU A 137 -8.31 0.32 -4.45
C GLU A 137 -9.49 -0.34 -5.16
N SER A 138 -9.73 -1.61 -4.88
CA SER A 138 -10.86 -2.34 -5.48
C SER A 138 -12.20 -1.82 -4.94
N TRP A 139 -12.15 -1.11 -3.83
CA TRP A 139 -13.34 -0.53 -3.21
C TRP A 139 -13.49 0.93 -3.58
N ASN A 140 -12.52 1.45 -4.33
CA ASN A 140 -12.42 2.88 -4.59
C ASN A 140 -12.35 3.64 -3.27
N ALA A 141 -11.58 3.11 -2.33
CA ALA A 141 -11.45 3.70 -1.01
C ALA A 141 -10.03 4.16 -0.73
N ALA A 142 -9.90 5.14 0.14
CA ALA A 142 -8.59 5.51 0.65
C ALA A 142 -8.03 4.38 1.52
N PHE A 143 -6.70 4.25 1.51
CA PHE A 143 -5.99 3.33 2.37
C PHE A 143 -4.89 4.02 3.16
N LEU A 144 -4.75 3.63 4.43
CA LEU A 144 -3.58 3.99 5.23
C LEU A 144 -3.21 2.82 6.14
N GLU A 145 -1.92 2.69 6.48
CA GLU A 145 -1.57 1.88 7.63
C GLU A 145 -1.34 2.80 8.82
N SER A 146 -1.49 2.27 10.03
CA SER A 146 -1.37 3.07 11.22
C SER A 146 -0.79 2.27 12.36
N SER A 147 -0.41 2.99 13.41
CA SER A 147 -0.11 2.40 14.70
C SER A 147 -0.67 3.29 15.79
N ALA A 148 -1.45 2.70 16.68
CA ALA A 148 -2.04 3.47 17.77
C ALA A 148 -0.98 3.97 18.76
N LYS A 149 0.26 3.50 18.62
CA LYS A 149 1.37 4.00 19.44
C LYS A 149 1.93 5.30 18.88
N GLU A 150 1.54 5.63 17.66
CA GLU A 150 2.09 6.77 16.95
C GLU A 150 1.01 7.80 16.63
N ASN A 151 0.96 8.86 17.43
CA ASN A 151 -0.08 9.88 17.31
C ASN A 151 -0.33 10.37 15.88
N GLN A 152 0.72 10.66 15.14
CA GLN A 152 0.54 11.24 13.81
C GLN A 152 -0.22 10.27 12.89
N THR A 153 -0.01 8.97 13.08
CA THR A 153 -0.66 8.02 12.18
C THR A 153 -2.16 7.96 12.47
N ALA A 154 -2.52 8.14 13.74
CA ALA A 154 -3.93 8.15 14.11
C ALA A 154 -4.58 9.44 13.59
N VAL A 155 -3.90 10.56 13.78
CA VAL A 155 -4.37 11.84 13.26
C VAL A 155 -4.57 11.75 11.76
N ASP A 156 -3.60 11.13 11.07
CA ASP A 156 -3.68 11.01 9.62
C ASP A 156 -4.91 10.23 9.20
N VAL A 157 -5.25 9.21 9.97
CA VAL A 157 -6.41 8.41 9.67
C VAL A 157 -7.69 9.27 9.71
N PHE A 158 -7.90 9.95 10.81
CA PHE A 158 -9.13 10.72 10.97
C PHE A 158 -9.21 11.93 10.05
N ARG A 159 -8.07 12.56 9.81
CA ARG A 159 -8.01 13.68 8.87
CA ARG A 159 -8.02 13.67 8.88
C ARG A 159 -8.41 13.22 7.47
N ARG A 160 -7.96 12.04 7.08
CA ARG A 160 -8.19 11.53 5.73
CA ARG A 160 -8.20 11.60 5.72
C ARG A 160 -9.66 11.22 5.49
N ILE A 161 -10.34 10.71 6.51
CA ILE A 161 -11.75 10.38 6.32
C ILE A 161 -12.54 11.68 6.19
N ILE A 162 -12.12 12.69 6.95
CA ILE A 162 -12.71 14.03 6.86
C ILE A 162 -12.49 14.65 5.48
N LEU A 163 -11.26 14.62 4.98
CA LEU A 163 -10.97 15.09 3.62
C LEU A 163 -11.78 14.33 2.57
N GLU A 164 -11.92 13.01 2.74
CA GLU A 164 -12.64 12.20 1.77
C GLU A 164 -14.12 12.59 1.73
N ALA A 165 -14.66 13.01 2.87
CA ALA A 165 -16.08 13.35 2.96
C ALA A 165 -16.42 14.51 2.05
N GLU A 166 -15.46 15.42 1.86
CA GLU A 166 -15.71 16.63 1.11
C GLU A 166 -15.00 16.64 -0.24
N LYS A 167 -15.08 15.52 -0.94
CA LYS A 167 -14.58 15.44 -2.30
C LYS A 167 -15.76 15.39 -3.28
N GLN B 1 -6.11 7.62 -26.77
CA GLN B 1 -6.92 6.90 -25.80
C GLN B 1 -6.10 5.88 -25.03
N SER B 2 -4.79 6.09 -24.99
CA SER B 2 -3.87 5.16 -24.32
C SER B 2 -2.60 5.90 -23.90
N LYS B 3 -2.33 5.92 -22.60
CA LYS B 3 -1.19 6.67 -22.06
C LYS B 3 0.08 5.83 -22.04
N SER B 4 1.11 6.31 -22.72
CA SER B 4 2.36 5.58 -22.84
C SER B 4 3.27 5.83 -21.66
N ARG B 5 3.71 4.77 -20.99
CA ARG B 5 4.65 4.91 -19.88
C ARG B 5 5.89 4.06 -20.14
N LYS B 6 7.06 4.64 -19.87
CA LYS B 6 8.31 3.91 -20.06
C LYS B 6 8.92 3.63 -18.69
N ILE B 7 9.19 2.36 -18.43
CA ILE B 7 9.62 1.94 -17.10
C ILE B 7 10.94 1.20 -17.22
N ALA B 8 11.89 1.53 -16.35
CA ALA B 8 13.16 0.81 -16.31
C ALA B 8 13.18 -0.16 -15.13
N ILE B 9 13.55 -1.41 -15.39
CA ILE B 9 13.68 -2.44 -14.36
C ILE B 9 15.16 -2.63 -14.06
N LEU B 10 15.56 -2.30 -12.83
CA LEU B 10 16.97 -2.31 -12.45
C LEU B 10 17.24 -3.26 -11.29
N GLY B 11 18.49 -3.69 -11.17
CA GLY B 11 18.85 -4.56 -10.07
C GLY B 11 20.09 -5.39 -10.33
N TYR B 12 20.50 -6.08 -9.27
CA TYR B 12 21.68 -6.95 -9.31
C TYR B 12 21.45 -8.09 -10.30
N ARG B 13 22.54 -8.74 -10.71
N ARG B 13 22.54 -8.74 -10.70
CA ARG B 13 22.47 -9.88 -11.60
CA ARG B 13 22.44 -9.86 -11.63
C ARG B 13 21.62 -11.00 -11.02
C ARG B 13 21.65 -11.01 -11.04
N SER B 14 20.82 -11.65 -11.86
CA SER B 14 20.08 -12.87 -11.47
C SER B 14 18.95 -12.77 -10.43
N VAL B 15 18.53 -11.56 -10.08
CA VAL B 15 17.46 -11.40 -9.08
C VAL B 15 16.10 -11.72 -9.67
N GLY B 16 16.01 -11.73 -11.00
CA GLY B 16 14.80 -12.13 -11.70
C GLY B 16 14.12 -10.99 -12.44
N LYS B 17 14.89 -9.97 -12.82
CA LYS B 17 14.34 -8.87 -13.60
C LYS B 17 13.65 -9.37 -14.87
N SER B 18 14.38 -10.14 -15.67
CA SER B 18 13.79 -10.68 -16.90
C SER B 18 12.64 -11.66 -16.66
N SER B 19 12.82 -12.58 -15.72
CA SER B 19 11.79 -13.57 -15.44
C SER B 19 10.48 -12.92 -15.02
N LEU B 20 10.57 -11.89 -14.16
CA LEU B 20 9.40 -11.17 -13.68
C LEU B 20 8.74 -10.44 -14.83
N THR B 21 9.55 -9.75 -15.62
CA THR B 21 9.04 -8.97 -16.74
C THR B 21 8.35 -9.88 -17.75
N ILE B 22 9.00 -11.00 -18.09
CA ILE B 22 8.45 -11.92 -19.07
C ILE B 22 7.17 -12.59 -18.57
N GLN B 23 7.10 -12.84 -17.27
CA GLN B 23 5.89 -13.40 -16.67
C GLN B 23 4.73 -12.44 -16.91
N PHE B 24 4.96 -11.16 -16.65
CA PHE B 24 3.94 -10.14 -16.86
C PHE B 24 3.58 -10.05 -18.34
N VAL B 25 4.60 -9.94 -19.19
CA VAL B 25 4.39 -9.66 -20.61
C VAL B 25 3.83 -10.87 -21.37
N GLU B 26 4.42 -12.04 -21.14
CA GLU B 26 4.09 -13.27 -21.86
C GLU B 26 3.28 -14.29 -21.07
N GLY B 27 3.20 -14.11 -19.75
CA GLY B 27 2.42 -15.00 -18.91
C GLY B 27 3.04 -16.35 -18.64
N GLN B 28 4.34 -16.49 -18.85
CA GLN B 28 4.98 -17.77 -18.57
C GLN B 28 6.29 -17.56 -17.81
N PHE B 29 6.74 -18.59 -17.12
CA PHE B 29 7.98 -18.52 -16.37
C PHE B 29 9.09 -19.14 -17.16
N VAL B 30 10.06 -18.32 -17.55
CA VAL B 30 11.23 -18.80 -18.26
C VAL B 30 12.32 -19.18 -17.24
N ASP B 31 12.50 -20.48 -17.06
CA ASP B 31 13.43 -20.97 -16.03
C ASP B 31 14.87 -20.95 -16.52
N SER B 32 15.04 -20.67 -17.81
CA SER B 32 16.37 -20.57 -18.40
C SER B 32 16.49 -19.28 -19.22
N ALA B 33 16.83 -18.19 -18.55
CA ALA B 33 17.01 -16.91 -19.23
C ALA B 33 18.49 -16.59 -19.38
N ASP B 34 18.84 -15.91 -20.46
CA ASP B 34 20.20 -15.47 -20.65
C ASP B 34 20.45 -14.17 -19.92
N PRO B 35 21.70 -13.95 -19.46
CA PRO B 35 22.03 -12.68 -18.83
C PRO B 35 21.65 -11.57 -19.80
N THR B 36 20.93 -10.57 -19.34
CA THR B 36 20.46 -9.52 -20.23
C THR B 36 21.56 -8.54 -20.62
N ILE B 37 21.50 -8.04 -21.85
CA ILE B 37 22.28 -6.86 -22.23
C ILE B 37 21.31 -5.70 -22.10
N GLU B 38 20.23 -5.76 -22.87
CA GLU B 38 19.10 -4.87 -22.73
C GLU B 38 18.01 -5.31 -23.69
N ASN B 39 16.80 -5.38 -23.18
CA ASN B 39 15.63 -5.65 -23.99
C ASN B 39 14.53 -4.70 -23.59
N THR B 40 13.67 -4.37 -24.55
CA THR B 40 12.50 -3.55 -24.28
C THR B 40 11.23 -4.27 -24.73
N PHE B 41 10.31 -4.46 -23.79
CA PHE B 41 9.03 -5.14 -24.09
C PHE B 41 7.88 -4.15 -24.00
N THR B 42 6.84 -4.34 -24.79
CA THR B 42 5.64 -3.49 -24.65
C THR B 42 4.46 -4.33 -24.20
N LYS B 43 3.58 -3.75 -23.42
CA LYS B 43 2.44 -4.46 -22.87
CA LYS B 43 2.42 -4.46 -22.91
C LYS B 43 1.31 -3.48 -22.57
N LEU B 44 0.10 -3.82 -23.01
CA LEU B 44 -1.07 -3.03 -22.67
C LEU B 44 -1.62 -3.57 -21.37
N ILE B 45 -2.08 -2.65 -20.51
CA ILE B 45 -2.69 -3.03 -19.26
C ILE B 45 -3.73 -1.98 -18.90
N THR B 46 -4.85 -2.43 -18.38
CA THR B 46 -5.88 -1.51 -17.95
C THR B 46 -5.87 -1.43 -16.43
N VAL B 47 -5.75 -0.22 -15.92
CA VAL B 47 -5.74 0.01 -14.48
C VAL B 47 -6.75 1.09 -14.15
N ASN B 48 -7.76 0.74 -13.37
CA ASN B 48 -8.84 1.67 -13.05
CA ASN B 48 -8.84 1.68 -13.05
C ASN B 48 -9.49 2.25 -14.29
N GLY B 49 -9.94 1.38 -15.18
CA GLY B 49 -10.61 1.79 -16.41
C GLY B 49 -9.77 2.60 -17.38
N GLN B 50 -8.50 2.78 -17.09
CA GLN B 50 -7.63 3.50 -18.00
C GLN B 50 -6.62 2.54 -18.61
N GLU B 51 -6.49 2.58 -19.94
CA GLU B 51 -5.53 1.73 -20.63
C GLU B 51 -4.16 2.39 -20.76
N TYR B 52 -3.13 1.65 -20.36
CA TYR B 52 -1.75 2.11 -20.46
C TYR B 52 -0.95 1.25 -21.43
N HIS B 53 -0.16 1.90 -22.28
CA HIS B 53 0.75 1.20 -23.16
C HIS B 53 2.15 1.28 -22.56
N LEU B 54 2.55 0.19 -21.94
CA LEU B 54 3.82 0.14 -21.21
C LEU B 54 4.99 -0.23 -22.08
N GLN B 55 6.08 0.52 -21.96
CA GLN B 55 7.35 0.15 -22.56
CA GLN B 55 7.34 0.13 -22.54
C GLN B 55 8.27 -0.23 -21.41
N LEU B 56 8.67 -1.49 -21.35
CA LEU B 56 9.43 -1.98 -20.22
C LEU B 56 10.88 -2.25 -20.60
N VAL B 57 11.77 -1.44 -20.05
CA VAL B 57 13.22 -1.57 -20.30
C VAL B 57 13.86 -2.51 -19.28
N ASP B 58 14.13 -3.74 -19.72
CA ASP B 58 14.75 -4.79 -18.93
C ASP B 58 16.28 -4.70 -19.08
N THR B 59 16.94 -4.25 -18.02
CA THR B 59 18.35 -3.92 -18.10
C THR B 59 19.28 -5.05 -17.65
N ALA B 60 20.57 -4.88 -17.94
CA ALA B 60 21.62 -5.79 -17.48
C ALA B 60 21.78 -5.64 -15.97
N GLY B 61 22.06 -6.75 -15.30
CA GLY B 61 22.37 -6.69 -13.88
C GLY B 61 23.56 -5.77 -13.62
N GLN B 62 23.46 -5.01 -12.53
CA GLN B 62 24.54 -4.13 -12.10
C GLN B 62 25.10 -4.60 -10.76
N ASP B 63 26.35 -4.25 -10.50
CA ASP B 63 26.88 -4.39 -9.10
CA ASP B 63 26.76 -4.33 -9.09
C ASP B 63 27.50 -3.09 -8.63
N GLU B 64 28.14 -3.08 -7.47
CA GLU B 64 28.77 -1.87 -6.93
C GLU B 64 29.64 -1.15 -7.95
N TYR B 65 30.29 -1.91 -8.82
CA TYR B 65 31.24 -1.34 -9.78
C TYR B 65 30.57 -0.69 -11.00
N SER B 66 29.33 -1.06 -11.28
CA SER B 66 28.65 -0.62 -12.50
CA SER B 66 28.65 -0.62 -12.50
C SER B 66 28.53 0.90 -12.60
N ILE B 67 28.79 1.43 -13.78
CA ILE B 67 28.54 2.84 -14.06
C ILE B 67 27.06 2.91 -14.41
N PHE B 68 26.31 3.75 -13.71
CA PHE B 68 24.88 3.83 -13.96
C PHE B 68 24.61 4.45 -15.32
N PRO B 69 24.10 3.66 -16.26
CA PRO B 69 23.96 4.13 -17.64
C PRO B 69 23.17 5.43 -17.70
N GLN B 70 23.81 6.45 -18.26
CA GLN B 70 23.18 7.73 -18.52
C GLN B 70 21.75 7.60 -19.06
N THR B 71 21.55 6.72 -20.04
CA THR B 71 20.23 6.61 -20.67
C THR B 71 19.10 6.43 -19.66
N TYR B 72 19.34 5.58 -18.66
CA TYR B 72 18.28 5.21 -17.73
C TYR B 72 17.89 6.34 -16.78
N SER B 73 18.48 7.52 -16.97
CA SER B 73 18.16 8.66 -16.11
C SER B 73 17.32 9.69 -16.85
N ILE B 74 16.98 9.39 -18.10
CA ILE B 74 16.21 10.33 -18.90
C ILE B 74 14.98 9.70 -19.57
N ASP B 75 13.88 10.43 -19.55
CA ASP B 75 12.62 10.02 -20.16
CA ASP B 75 12.62 10.02 -20.16
C ASP B 75 12.06 8.70 -19.61
N ILE B 76 12.42 8.36 -18.38
CA ILE B 76 11.85 7.19 -17.74
C ILE B 76 10.68 7.65 -16.88
N ASN B 77 9.53 7.04 -17.07
CA ASN B 77 8.35 7.40 -16.28
C ASN B 77 8.29 6.75 -14.91
N GLY B 78 9.05 5.68 -14.71
CA GLY B 78 9.00 4.97 -13.45
C GLY B 78 10.14 3.97 -13.34
N TYR B 79 10.52 3.67 -12.10
CA TYR B 79 11.60 2.71 -11.85
C TYR B 79 11.12 1.58 -10.95
N ILE B 80 11.43 0.36 -11.37
CA ILE B 80 11.22 -0.82 -10.55
C ILE B 80 12.64 -1.32 -10.20
N LEU B 81 12.98 -1.26 -8.91
CA LEU B 81 14.27 -1.74 -8.45
CA LEU B 81 14.28 -1.72 -8.44
C LEU B 81 14.08 -3.07 -7.75
N VAL B 82 14.71 -4.10 -8.30
CA VAL B 82 14.47 -5.46 -7.84
C VAL B 82 15.65 -6.03 -7.08
N TYR B 83 15.35 -6.68 -5.95
CA TYR B 83 16.34 -7.56 -5.33
C TYR B 83 15.72 -8.93 -5.19
N SER B 84 16.47 -9.86 -4.62
CA SER B 84 15.98 -11.20 -4.35
C SER B 84 16.00 -11.46 -2.86
N VAL B 85 14.91 -11.99 -2.33
CA VAL B 85 14.83 -12.29 -0.92
C VAL B 85 15.78 -13.42 -0.52
N THR B 86 16.42 -14.07 -1.49
CA THR B 86 17.39 -15.13 -1.21
C THR B 86 18.87 -14.68 -1.24
N SER B 87 19.09 -13.40 -1.55
CA SER B 87 20.44 -12.87 -1.74
C SER B 87 20.68 -11.58 -0.97
N ILE B 88 21.45 -11.66 0.11
CA ILE B 88 21.83 -10.46 0.83
C ILE B 88 22.58 -9.49 -0.10
N LYS B 89 23.49 -10.02 -0.91
CA LYS B 89 24.22 -9.16 -1.84
C LYS B 89 23.26 -8.29 -2.65
N SER B 90 22.18 -8.90 -3.13
CA SER B 90 21.27 -8.20 -4.05
C SER B 90 20.68 -6.99 -3.36
N PHE B 91 20.50 -7.09 -2.05
CA PHE B 91 19.88 -6.01 -1.30
C PHE B 91 20.88 -4.89 -1.10
N GLU B 92 22.12 -5.25 -0.80
CA GLU B 92 23.22 -4.27 -0.68
C GLU B 92 23.35 -3.51 -1.98
N VAL B 93 23.30 -4.25 -3.07
CA VAL B 93 23.49 -3.68 -4.40
C VAL B 93 22.33 -2.74 -4.80
N ILE B 94 21.10 -3.09 -4.43
CA ILE B 94 19.95 -2.28 -4.84
C ILE B 94 20.04 -0.91 -4.16
N LYS B 95 20.58 -0.88 -2.96
CA LYS B 95 20.75 0.40 -2.26
C LYS B 95 21.74 1.27 -3.02
N VAL B 96 22.78 0.64 -3.54
CA VAL B 96 23.83 1.34 -4.29
C VAL B 96 23.27 1.82 -5.63
N ILE B 97 22.53 0.95 -6.31
CA ILE B 97 21.92 1.32 -7.57
C ILE B 97 21.00 2.53 -7.38
N HIS B 98 20.20 2.50 -6.33
CA HIS B 98 19.32 3.63 -6.05
C HIS B 98 20.12 4.93 -5.80
N GLY B 99 21.18 4.87 -5.02
CA GLY B 99 21.99 6.05 -4.78
C GLY B 99 22.55 6.64 -6.07
N LYS B 100 23.01 5.77 -6.96
CA LYS B 100 23.52 6.21 -8.26
C LYS B 100 22.39 6.80 -9.09
N LEU B 101 21.25 6.13 -9.10
CA LEU B 101 20.09 6.64 -9.80
C LEU B 101 19.76 8.06 -9.37
N LEU B 102 19.69 8.30 -8.07
CA LEU B 102 19.42 9.63 -7.53
CA LEU B 102 19.41 9.64 -7.57
C LEU B 102 20.49 10.66 -7.94
N ASP B 103 21.75 10.26 -7.89
CA ASP B 103 22.81 11.18 -8.32
C ASP B 103 22.56 11.60 -9.77
N MET B 104 22.01 10.67 -10.53
CA MET B 104 21.82 10.86 -11.97
C MET B 104 20.63 11.76 -12.30
N VAL B 105 19.58 11.71 -11.50
CA VAL B 105 18.32 12.38 -11.85
C VAL B 105 18.05 13.68 -11.11
N GLY B 106 18.44 13.74 -9.83
CA GLY B 106 18.15 14.89 -9.00
C GLY B 106 17.10 14.58 -7.93
N LYS B 107 16.88 15.52 -7.02
CA LYS B 107 15.89 15.31 -5.96
C LYS B 107 14.46 15.37 -6.49
N VAL B 108 14.33 15.19 -7.81
CA VAL B 108 13.02 15.08 -8.45
C VAL B 108 12.29 13.84 -7.96
N GLN B 109 11.02 14.00 -7.59
CA GLN B 109 10.22 12.87 -7.18
C GLN B 109 9.85 12.02 -8.39
N ILE B 110 10.42 10.82 -8.46
CA ILE B 110 10.16 9.91 -9.57
C ILE B 110 9.44 8.69 -9.03
N PRO B 111 8.42 8.23 -9.75
CA PRO B 111 7.75 6.98 -9.36
C PRO B 111 8.79 5.88 -9.23
N ILE B 112 8.84 5.28 -8.05
CA ILE B 112 9.78 4.19 -7.81
C ILE B 112 9.08 3.12 -7.02
N MET B 113 9.42 1.88 -7.30
CA MET B 113 9.01 0.84 -6.38
C MET B 113 10.15 -0.15 -6.13
N LEU B 114 10.16 -0.69 -4.92
CA LEU B 114 11.14 -1.68 -4.53
C LEU B 114 10.43 -3.02 -4.56
N VAL B 115 11.05 -4.02 -5.19
CA VAL B 115 10.47 -5.35 -5.28
C VAL B 115 11.41 -6.43 -4.75
N GLY B 116 10.95 -7.19 -3.76
CA GLY B 116 11.68 -8.35 -3.29
C GLY B 116 11.17 -9.59 -4.01
N ASN B 117 11.96 -10.09 -4.95
CA ASN B 117 11.55 -11.18 -5.82
C ASN B 117 11.95 -12.55 -5.25
N LYS B 118 11.47 -13.60 -5.89
CA LYS B 118 11.76 -14.98 -5.48
C LYS B 118 11.17 -15.36 -4.12
N LYS B 119 10.03 -14.79 -3.76
CA LYS B 119 9.40 -15.09 -2.47
C LYS B 119 8.85 -16.52 -2.42
N ASP B 120 8.71 -17.17 -3.57
CA ASP B 120 8.33 -18.60 -3.59
C ASP B 120 9.40 -19.48 -2.93
N LEU B 121 10.64 -19.00 -2.88
CA LEU B 121 11.73 -19.79 -2.27
C LEU B 121 11.76 -19.61 -0.76
N HIS B 122 10.65 -19.98 -0.13
CA HIS B 122 10.42 -19.75 1.30
C HIS B 122 11.50 -20.33 2.23
N MET B 123 12.10 -21.44 1.83
CA MET B 123 13.09 -22.10 2.69
C MET B 123 14.49 -21.48 2.52
N GLU B 124 14.61 -20.52 1.61
CA GLU B 124 15.90 -19.90 1.29
C GLU B 124 15.96 -18.41 1.63
N ARG B 125 14.90 -17.92 2.26
CA ARG B 125 14.75 -16.49 2.49
C ARG B 125 15.76 -15.98 3.49
N VAL B 126 16.37 -14.82 3.18
CA VAL B 126 17.37 -14.23 4.05
C VAL B 126 17.13 -12.74 4.29
N ILE B 127 16.09 -12.21 3.65
CA ILE B 127 15.69 -10.81 3.82
CA ILE B 127 15.70 -10.82 3.86
C ILE B 127 14.24 -10.79 4.29
N SER B 128 13.93 -9.97 5.28
CA SER B 128 12.58 -9.98 5.84
C SER B 128 11.69 -9.02 5.09
N TYR B 129 10.38 -9.21 5.21
CA TYR B 129 9.44 -8.27 4.62
C TYR B 129 9.70 -6.85 5.13
N GLU B 130 9.94 -6.70 6.43
CA GLU B 130 10.11 -5.38 7.00
C GLU B 130 11.38 -4.69 6.49
N GLU B 131 12.43 -5.47 6.27
CA GLU B 131 13.67 -4.90 5.80
C GLU B 131 13.49 -4.21 4.45
N GLY B 132 12.72 -4.83 3.56
CA GLY B 132 12.36 -4.20 2.30
C GLY B 132 11.41 -3.02 2.45
N LYS B 133 10.35 -3.20 3.23
N LYS B 133 10.34 -3.20 3.22
CA LYS B 133 9.38 -2.14 3.43
CA LYS B 133 9.37 -2.13 3.43
C LYS B 133 10.03 -0.90 4.04
C LYS B 133 10.03 -0.90 4.04
N ALA B 134 10.83 -1.09 5.08
CA ALA B 134 11.53 0.03 5.70
C ALA B 134 12.39 0.77 4.69
N LEU B 135 13.10 0.03 3.86
CA LEU B 135 13.97 0.66 2.86
C LEU B 135 13.08 1.42 1.89
N ALA B 136 12.04 0.77 1.39
CA ALA B 136 11.12 1.44 0.47
C ALA B 136 10.60 2.76 1.06
N GLU B 137 10.13 2.71 2.30
CA GLU B 137 9.62 3.91 2.96
C GLU B 137 10.64 5.06 2.98
N SER B 138 11.91 4.76 3.28
CA SER B 138 12.93 5.81 3.31
C SER B 138 13.11 6.43 1.93
N TRP B 139 12.72 5.70 0.90
CA TRP B 139 12.80 6.19 -0.48
C TRP B 139 11.49 6.87 -0.91
N ASN B 140 10.49 6.85 -0.04
CA ASN B 140 9.15 7.18 -0.48
C ASN B 140 8.75 6.37 -1.72
N ALA B 141 9.04 5.06 -1.69
CA ALA B 141 8.72 4.17 -2.80
C ALA B 141 7.71 3.12 -2.36
N ALA B 142 6.95 2.59 -3.31
CA ALA B 142 6.06 1.48 -2.99
C ALA B 142 6.92 0.24 -2.79
N PHE B 143 6.35 -0.75 -2.13
CA PHE B 143 7.08 -1.99 -1.90
C PHE B 143 6.20 -3.22 -1.99
N LEU B 144 6.64 -4.22 -2.76
CA LEU B 144 6.06 -5.56 -2.64
C LEU B 144 7.04 -6.70 -2.88
N GLU B 145 6.65 -7.90 -2.49
CA GLU B 145 7.41 -9.09 -2.75
C GLU B 145 6.69 -9.87 -3.82
N SER B 146 7.46 -10.45 -4.73
CA SER B 146 6.91 -11.09 -5.91
C SER B 146 7.53 -12.47 -6.14
N SER B 147 6.96 -13.21 -7.07
CA SER B 147 7.58 -14.41 -7.63
C SER B 147 7.30 -14.44 -9.13
N ALA B 148 8.35 -14.56 -9.93
CA ALA B 148 8.19 -14.68 -11.38
C ALA B 148 7.46 -15.96 -11.80
N LYS B 149 7.29 -16.88 -10.85
CA LYS B 149 6.54 -18.10 -11.10
C LYS B 149 5.08 -17.86 -10.87
N GLU B 150 4.75 -16.71 -10.29
CA GLU B 150 3.37 -16.42 -9.88
C GLU B 150 2.83 -15.21 -10.63
N ASN B 151 2.05 -15.48 -11.67
CA ASN B 151 1.60 -14.45 -12.59
C ASN B 151 1.00 -13.22 -11.93
N GLN B 152 0.08 -13.41 -10.99
CA GLN B 152 -0.61 -12.26 -10.40
C GLN B 152 0.35 -11.34 -9.66
N THR B 153 1.43 -11.89 -9.09
CA THR B 153 2.41 -11.04 -8.41
C THR B 153 3.18 -10.19 -9.41
N ALA B 154 3.39 -10.74 -10.61
CA ALA B 154 4.06 -9.95 -11.64
C ALA B 154 3.14 -8.84 -12.17
N VAL B 155 1.88 -9.18 -12.46
CA VAL B 155 0.90 -8.15 -12.82
C VAL B 155 0.88 -7.05 -11.76
N ASP B 156 0.93 -7.45 -10.50
CA ASP B 156 0.81 -6.49 -9.42
C ASP B 156 1.99 -5.51 -9.37
N VAL B 157 3.17 -6.01 -9.71
CA VAL B 157 4.37 -5.17 -9.75
C VAL B 157 4.18 -4.03 -10.73
N PHE B 158 3.77 -4.35 -11.95
CA PHE B 158 3.66 -3.33 -12.97
C PHE B 158 2.43 -2.46 -12.80
N ARG B 159 1.36 -3.03 -12.24
CA ARG B 159 0.23 -2.18 -11.90
C ARG B 159 0.63 -1.16 -10.84
N ARG B 160 1.41 -1.59 -9.86
CA ARG B 160 1.80 -0.70 -8.77
C ARG B 160 2.62 0.49 -9.27
N ILE B 161 3.55 0.26 -10.19
CA ILE B 161 4.39 1.36 -10.64
C ILE B 161 3.56 2.38 -11.45
N ILE B 162 2.52 1.92 -12.15
CA ILE B 162 1.59 2.83 -12.80
C ILE B 162 0.84 3.65 -11.76
N LEU B 163 0.35 2.97 -10.72
CA LEU B 163 -0.38 3.66 -9.65
C LEU B 163 0.50 4.59 -8.82
N GLU B 164 1.78 4.26 -8.71
CA GLU B 164 2.74 5.12 -8.03
C GLU B 164 2.90 6.48 -8.69
N ALA B 165 2.68 6.53 -9.99
CA ALA B 165 2.86 7.77 -10.75
C ALA B 165 1.75 8.78 -10.44
N GLU B 166 0.52 8.31 -10.49
CA GLU B 166 -0.63 9.15 -10.14
C GLU B 166 -0.84 9.08 -8.64
N LYS B 167 0.21 9.39 -7.90
CA LYS B 167 0.15 9.30 -6.45
C LYS B 167 -0.15 10.67 -5.84
#